data_4F85
#
_entry.id   4F85
#
_cell.length_a   143.938
_cell.length_b   143.938
_cell.length_c   66.724
_cell.angle_alpha   90.00
_cell.angle_beta   90.00
_cell.angle_gamma   120.00
#
_symmetry.space_group_name_H-M   'P 63 2 2'
#
loop_
_entity.id
_entity.type
_entity.pdbx_description
1 polymer 'Geranyl diphosphate 2-C-methyltransferase'
2 water water
#
_entity_poly.entity_id   1
_entity_poly.type   'polypeptide(L)'
_entity_poly.pdbx_seq_one_letter_code
;MGSSHHHHHHSSGLVPRGSHMAAASAPVPGPGGASSTARGRIPAPATPYQEDIARYWNNEARPVNLRLGDVDGLYHHHYG
IGAVDHAALGDPGDGGYEARLIAELHRLESAQAEFLLDHLGPVGPGDTLVDAGCGRGGSMVMAHQRFGCKVEGVTLSAAQ
AEFGNRRARELGIDDHVRSRVCNMLDTPFEKGTVAASWNNESSMYVDLHDVFAEHSRFLRVGGRYVTVTGCWNPRYGQPS
KWVSQINAHFECNIHSRREYLRAMADNRLVPQTVVDLTPETLPYWELRATSSLVTGIEEAFIESYRDGSFQYVLIAADRV
;
_entity_poly.pdbx_strand_id   A
#
# COMPACT_ATOMS: atom_id res chain seq x y z
N TYR A 75 -6.61 11.73 -2.13
CA TYR A 75 -5.58 11.41 -3.16
C TYR A 75 -5.06 9.98 -3.06
N HIS A 76 -4.46 9.62 -1.93
CA HIS A 76 -3.94 8.27 -1.71
C HIS A 76 -5.04 7.28 -1.33
N HIS A 77 -4.91 6.06 -1.82
CA HIS A 77 -5.85 5.00 -1.53
C HIS A 77 -5.38 4.16 -0.34
N HIS A 78 -4.08 4.24 -0.04
CA HIS A 78 -3.53 3.50 1.10
C HIS A 78 -3.65 4.34 2.38
N TYR A 79 -3.23 3.78 3.51
CA TYR A 79 -3.36 4.46 4.79
C TYR A 79 -2.07 5.08 5.33
N GLY A 80 -2.17 5.72 6.50
CA GLY A 80 -1.00 6.37 7.06
C GLY A 80 -0.40 5.80 8.33
N ILE A 81 0.79 6.29 8.67
CA ILE A 81 1.51 5.88 9.87
C ILE A 81 2.19 7.11 10.48
N GLY A 82 2.36 7.08 11.79
CA GLY A 82 2.99 8.20 12.46
C GLY A 82 2.08 8.92 13.43
N ALA A 83 2.67 9.59 14.41
CA ALA A 83 1.92 10.34 15.40
C ALA A 83 1.22 11.52 14.75
N VAL A 84 0.05 11.87 15.27
CA VAL A 84 -0.72 12.99 14.75
C VAL A 84 -0.20 14.32 15.33
N ASP A 85 -0.07 15.32 14.47
CA ASP A 85 0.41 16.62 14.89
C ASP A 85 -0.81 17.44 15.31
N HIS A 86 -1.23 17.29 16.56
CA HIS A 86 -2.39 18.01 17.08
C HIS A 86 -2.21 19.52 17.05
N ALA A 87 -0.96 19.98 17.19
CA ALA A 87 -0.66 21.41 17.16
C ALA A 87 -1.08 21.96 15.81
N ALA A 88 -0.76 21.20 14.75
CA ALA A 88 -1.11 21.61 13.40
C ALA A 88 -2.63 21.66 13.23
N LEU A 89 -3.32 20.66 13.78
CA LEU A 89 -4.78 20.61 13.67
C LEU A 89 -5.43 21.87 14.24
N GLY A 90 -4.93 22.33 15.38
CA GLY A 90 -5.47 23.52 16.00
C GLY A 90 -6.85 23.34 16.61
N ASP A 91 -7.61 24.43 16.65
CA ASP A 91 -8.96 24.44 17.23
C ASP A 91 -10.00 23.77 16.33
N PRO A 92 -10.70 22.76 16.86
CA PRO A 92 -11.71 22.05 16.09
C PRO A 92 -12.86 22.98 15.69
N GLY A 93 -12.94 24.12 16.38
CA GLY A 93 -13.98 25.09 16.11
C GLY A 93 -13.79 25.90 14.85
N ASP A 94 -12.54 26.05 14.42
CA ASP A 94 -12.24 26.81 13.20
C ASP A 94 -12.96 26.22 12.00
N GLY A 95 -13.23 27.07 11.02
CA GLY A 95 -13.90 26.59 9.83
C GLY A 95 -12.96 25.75 8.98
N GLY A 96 -11.65 25.99 9.14
CA GLY A 96 -10.66 25.26 8.37
C GLY A 96 -10.11 24.02 9.05
N TYR A 97 -10.66 23.66 10.20
CA TYR A 97 -10.19 22.47 10.91
C TYR A 97 -10.24 21.24 10.00
N GLU A 98 -11.39 21.01 9.37
CA GLU A 98 -11.54 19.85 8.50
C GLU A 98 -10.49 19.84 7.39
N ALA A 99 -10.12 21.02 6.91
CA ALA A 99 -9.12 21.12 5.84
C ALA A 99 -7.72 20.80 6.38
N ARG A 100 -7.47 21.12 7.65
CA ARG A 100 -6.17 20.84 8.23
C ARG A 100 -6.10 19.36 8.59
N LEU A 101 -7.25 18.78 8.90
CA LEU A 101 -7.33 17.38 9.28
C LEU A 101 -7.03 16.51 8.07
N ILE A 102 -7.73 16.76 6.96
CA ILE A 102 -7.52 16.01 5.74
C ILE A 102 -6.07 16.10 5.31
N ALA A 103 -5.47 17.27 5.54
CA ALA A 103 -4.06 17.48 5.19
C ALA A 103 -3.17 16.64 6.10
N GLU A 104 -3.59 16.50 7.36
CA GLU A 104 -2.82 15.70 8.32
C GLU A 104 -2.90 14.23 7.90
N LEU A 105 -4.09 13.78 7.55
CA LEU A 105 -4.29 12.40 7.10
C LEU A 105 -3.35 12.15 5.92
N HIS A 106 -3.31 13.12 5.01
CA HIS A 106 -2.47 13.06 3.83
C HIS A 106 -1.00 12.95 4.22
N ARG A 107 -0.58 13.77 5.18
CA ARG A 107 0.82 13.76 5.64
C ARG A 107 1.20 12.38 6.22
N LEU A 108 0.27 11.74 6.88
CA LEU A 108 0.53 10.43 7.48
C LEU A 108 0.60 9.37 6.39
N GLU A 109 -0.19 9.53 5.33
CA GLU A 109 -0.17 8.58 4.22
C GLU A 109 1.14 8.72 3.45
N SER A 110 1.62 9.95 3.31
CA SER A 110 2.87 10.18 2.59
C SER A 110 4.03 9.56 3.35
N ALA A 111 3.95 9.63 4.68
CA ALA A 111 5.01 9.05 5.51
C ALA A 111 4.99 7.53 5.31
N GLN A 112 3.81 6.98 5.07
CA GLN A 112 3.66 5.54 4.86
C GLN A 112 4.36 5.14 3.55
N ALA A 113 3.99 5.80 2.45
CA ALA A 113 4.58 5.52 1.14
C ALA A 113 6.09 5.71 1.18
N GLU A 114 6.53 6.75 1.88
CA GLU A 114 7.95 7.05 2.01
C GLU A 114 8.66 5.90 2.69
N PHE A 115 8.03 5.36 3.73
CA PHE A 115 8.58 4.25 4.49
C PHE A 115 8.62 3.00 3.60
N LEU A 116 7.59 2.80 2.78
CA LEU A 116 7.59 1.65 1.88
C LEU A 116 8.78 1.78 0.92
N LEU A 117 9.02 3.00 0.45
CA LEU A 117 10.11 3.28 -0.48
C LEU A 117 11.48 3.02 0.15
N ASP A 118 11.60 3.26 1.45
CA ASP A 118 12.87 3.04 2.15
C ASP A 118 13.26 1.57 2.08
N HIS A 119 12.29 0.70 1.79
CA HIS A 119 12.56 -0.74 1.73
C HIS A 119 12.75 -1.34 0.34
N LEU A 120 12.77 -0.50 -0.69
CA LEU A 120 12.92 -1.00 -2.05
C LEU A 120 14.37 -1.25 -2.45
N GLY A 121 15.29 -0.91 -1.57
CA GLY A 121 16.70 -1.13 -1.89
C GLY A 121 17.25 0.03 -2.68
N PRO A 122 18.49 -0.09 -3.20
CA PRO A 122 19.14 0.96 -3.99
C PRO A 122 18.72 1.09 -5.46
N VAL A 123 17.43 1.24 -5.70
CA VAL A 123 16.94 1.37 -7.08
C VAL A 123 17.55 2.58 -7.79
N GLY A 124 17.92 2.38 -9.06
CA GLY A 124 18.53 3.46 -9.82
C GLY A 124 17.75 3.97 -11.01
N PRO A 125 18.24 5.03 -11.67
CA PRO A 125 17.64 5.68 -12.83
C PRO A 125 17.27 4.73 -13.97
N GLY A 126 18.09 3.70 -14.18
CA GLY A 126 17.81 2.76 -15.26
C GLY A 126 16.91 1.59 -14.89
N ASP A 127 16.51 1.49 -13.63
CA ASP A 127 15.66 0.38 -13.22
C ASP A 127 14.18 0.61 -13.50
N THR A 128 13.42 -0.47 -13.53
CA THR A 128 11.98 -0.40 -13.73
C THR A 128 11.31 -0.90 -12.46
N LEU A 129 10.33 -0.13 -11.99
CA LEU A 129 9.58 -0.49 -10.77
C LEU A 129 8.14 -0.72 -11.15
N VAL A 130 7.47 -1.64 -10.45
CA VAL A 130 6.08 -1.93 -10.71
C VAL A 130 5.23 -1.76 -9.45
N ASP A 131 4.15 -1.01 -9.61
CA ASP A 131 3.21 -0.75 -8.52
C ASP A 131 1.92 -1.51 -8.87
N ALA A 132 1.66 -2.59 -8.15
CA ALA A 132 0.46 -3.40 -8.40
C ALA A 132 -0.69 -2.84 -7.56
N GLY A 133 -1.73 -2.36 -8.22
CA GLY A 133 -2.86 -1.75 -7.52
C GLY A 133 -2.39 -0.35 -7.17
N CYS A 134 -2.02 0.40 -8.20
CA CYS A 134 -1.47 1.74 -8.00
C CYS A 134 -2.42 2.89 -7.68
N GLY A 135 -3.73 2.65 -7.77
CA GLY A 135 -4.66 3.73 -7.48
C GLY A 135 -4.42 4.93 -8.38
N ARG A 136 -4.31 6.12 -7.77
CA ARG A 136 -4.07 7.35 -8.53
C ARG A 136 -2.62 7.61 -8.95
N GLY A 137 -1.74 6.66 -8.66
CA GLY A 137 -0.35 6.80 -9.07
C GLY A 137 0.57 7.65 -8.21
N GLY A 138 0.09 8.05 -7.04
CA GLY A 138 0.88 8.88 -6.15
C GLY A 138 2.19 8.27 -5.66
N SER A 139 2.19 6.98 -5.34
CA SER A 139 3.42 6.33 -4.88
C SER A 139 4.41 6.24 -6.03
N MET A 140 3.87 6.06 -7.24
CA MET A 140 4.71 5.96 -8.43
C MET A 140 5.43 7.29 -8.66
N VAL A 141 4.70 8.39 -8.50
CA VAL A 141 5.28 9.72 -8.67
C VAL A 141 6.39 9.92 -7.63
N MET A 142 6.12 9.52 -6.39
CA MET A 142 7.11 9.64 -5.31
C MET A 142 8.34 8.80 -5.64
N ALA A 143 8.12 7.58 -6.11
CA ALA A 143 9.23 6.69 -6.44
C ALA A 143 10.13 7.30 -7.51
N HIS A 144 9.55 7.82 -8.58
CA HIS A 144 10.35 8.42 -9.64
C HIS A 144 11.16 9.62 -9.16
N GLN A 145 10.52 10.55 -8.44
CA GLN A 145 11.22 11.74 -7.95
C GLN A 145 12.34 11.35 -7.02
N ARG A 146 12.16 10.25 -6.30
CA ARG A 146 13.18 9.82 -5.37
C ARG A 146 14.35 9.06 -6.03
N PHE A 147 14.04 8.16 -6.96
CA PHE A 147 15.07 7.35 -7.62
C PHE A 147 15.36 7.71 -9.07
N GLY A 148 14.44 8.45 -9.71
CA GLY A 148 14.62 8.84 -11.09
C GLY A 148 14.44 7.69 -12.07
N CYS A 149 13.95 6.56 -11.58
CA CYS A 149 13.75 5.37 -12.39
C CYS A 149 12.41 5.37 -13.12
N LYS A 150 12.16 4.31 -13.88
CA LYS A 150 10.90 4.17 -14.60
C LYS A 150 9.91 3.46 -13.67
N VAL A 151 8.65 3.84 -13.73
CA VAL A 151 7.64 3.23 -12.86
C VAL A 151 6.39 2.84 -13.65
N GLU A 152 6.05 1.56 -13.60
CA GLU A 152 4.86 1.05 -14.28
C GLU A 152 3.80 0.72 -13.24
N GLY A 153 2.59 1.24 -13.45
CA GLY A 153 1.52 0.99 -12.51
C GLY A 153 0.39 0.18 -13.11
N VAL A 154 -0.27 -0.62 -12.28
CA VAL A 154 -1.39 -1.43 -12.73
C VAL A 154 -2.61 -1.27 -11.83
N THR A 155 -3.77 -1.04 -12.45
CA THR A 155 -5.04 -0.88 -11.74
C THR A 155 -6.14 -1.37 -12.66
N LEU A 156 -7.30 -1.63 -12.08
CA LEU A 156 -8.43 -2.08 -12.88
C LEU A 156 -9.36 -0.90 -13.15
N SER A 157 -9.00 0.26 -12.64
CA SER A 157 -9.80 1.47 -12.80
C SER A 157 -9.29 2.34 -13.95
N ALA A 158 -10.09 2.46 -15.00
CA ALA A 158 -9.73 3.29 -16.15
C ALA A 158 -9.60 4.74 -15.71
N ALA A 159 -10.49 5.17 -14.82
CA ALA A 159 -10.46 6.54 -14.33
C ALA A 159 -9.18 6.83 -13.56
N GLN A 160 -8.80 5.88 -12.70
CA GLN A 160 -7.58 6.04 -11.91
C GLN A 160 -6.34 6.10 -12.79
N ALA A 161 -6.27 5.20 -13.77
CA ALA A 161 -5.14 5.15 -14.69
C ALA A 161 -5.06 6.48 -15.47
N GLU A 162 -6.19 6.92 -16.01
CA GLU A 162 -6.24 8.16 -16.77
C GLU A 162 -5.80 9.36 -15.93
N PHE A 163 -6.29 9.45 -14.69
CA PHE A 163 -5.89 10.56 -13.84
C PHE A 163 -4.39 10.53 -13.59
N GLY A 164 -3.88 9.37 -13.23
CA GLY A 164 -2.46 9.22 -12.97
C GLY A 164 -1.61 9.66 -14.14
N ASN A 165 -1.97 9.24 -15.35
CA ASN A 165 -1.21 9.62 -16.54
C ASN A 165 -1.31 11.11 -16.86
N ARG A 166 -2.50 11.69 -16.70
CA ARG A 166 -2.68 13.12 -16.94
C ARG A 166 -1.72 13.83 -16.00
N ARG A 167 -1.82 13.46 -14.73
CA ARG A 167 -0.99 14.01 -13.67
C ARG A 167 0.48 13.91 -14.05
N ALA A 168 0.90 12.73 -14.51
CA ALA A 168 2.29 12.52 -14.90
C ALA A 168 2.73 13.44 -16.03
N ARG A 169 1.85 13.62 -17.01
CA ARG A 169 2.14 14.50 -18.15
C ARG A 169 2.31 15.95 -17.68
N GLU A 170 1.39 16.40 -16.83
CA GLU A 170 1.42 17.75 -16.30
C GLU A 170 2.70 18.00 -15.50
N LEU A 171 3.26 16.95 -14.92
CA LEU A 171 4.49 17.07 -14.15
C LEU A 171 5.70 16.90 -15.07
N GLY A 172 5.46 16.49 -16.32
CA GLY A 172 6.55 16.30 -17.26
C GLY A 172 7.38 15.06 -16.97
N ILE A 173 6.74 14.03 -16.42
CA ILE A 173 7.44 12.78 -16.11
C ILE A 173 6.70 11.58 -16.68
N ASP A 174 5.78 11.83 -17.60
CA ASP A 174 4.99 10.79 -18.24
C ASP A 174 5.87 9.87 -19.08
N ASP A 175 7.12 10.26 -19.29
CA ASP A 175 8.07 9.45 -20.06
C ASP A 175 8.74 8.45 -19.12
N HIS A 176 8.46 8.56 -17.82
CA HIS A 176 9.05 7.69 -16.80
C HIS A 176 7.98 6.94 -16.00
N VAL A 177 6.85 7.59 -15.79
CA VAL A 177 5.74 7.06 -15.00
C VAL A 177 4.50 6.84 -15.85
N ARG A 178 3.94 5.63 -15.80
CA ARG A 178 2.73 5.31 -16.56
C ARG A 178 1.84 4.30 -15.86
N SER A 179 0.53 4.54 -15.92
CA SER A 179 -0.44 3.64 -15.32
C SER A 179 -1.24 3.01 -16.45
N ARG A 180 -1.71 1.78 -16.25
CA ARG A 180 -2.51 1.13 -17.27
C ARG A 180 -3.55 0.23 -16.63
N VAL A 181 -4.63 -0.02 -17.35
CA VAL A 181 -5.69 -0.87 -16.85
C VAL A 181 -5.28 -2.30 -17.13
N CYS A 182 -5.09 -3.05 -16.05
CA CYS A 182 -4.66 -4.43 -16.18
C CYS A 182 -4.80 -5.15 -14.85
N ASN A 183 -5.02 -6.46 -14.91
CA ASN A 183 -5.13 -7.27 -13.70
C ASN A 183 -3.70 -7.52 -13.21
N MET A 184 -3.47 -7.41 -11.91
CA MET A 184 -2.14 -7.63 -11.36
C MET A 184 -1.69 -9.10 -11.34
N LEU A 185 -2.58 -9.99 -11.76
CA LEU A 185 -2.26 -11.41 -11.79
C LEU A 185 -1.71 -11.84 -13.15
N ASP A 186 -1.88 -10.98 -14.15
CA ASP A 186 -1.40 -11.28 -15.49
C ASP A 186 -0.99 -9.97 -16.16
N THR A 187 0.21 -9.50 -15.82
CA THR A 187 0.72 -8.25 -16.36
C THR A 187 1.56 -8.48 -17.59
N PRO A 188 1.80 -7.42 -18.39
CA PRO A 188 2.60 -7.50 -19.63
C PRO A 188 4.11 -7.41 -19.44
N PHE A 189 4.57 -7.26 -18.20
CA PHE A 189 6.00 -7.13 -17.95
C PHE A 189 6.73 -8.45 -18.19
N GLU A 190 7.86 -8.35 -18.88
CA GLU A 190 8.67 -9.53 -19.21
C GLU A 190 9.41 -10.11 -18.02
N LYS A 191 9.63 -11.42 -18.06
CA LYS A 191 10.31 -12.13 -17.01
C LYS A 191 11.67 -11.53 -16.63
N GLY A 192 11.91 -11.42 -15.32
CA GLY A 192 13.16 -10.88 -14.82
C GLY A 192 13.59 -9.49 -15.27
N THR A 193 12.63 -8.62 -15.61
CA THR A 193 13.00 -7.28 -16.05
C THR A 193 12.74 -6.17 -15.03
N VAL A 194 12.02 -6.48 -13.95
CA VAL A 194 11.70 -5.47 -12.94
C VAL A 194 12.65 -5.52 -11.74
N ALA A 195 13.15 -4.35 -11.32
CA ALA A 195 14.08 -4.29 -10.20
C ALA A 195 13.39 -4.43 -8.84
N ALA A 196 12.24 -3.77 -8.69
CA ALA A 196 11.50 -3.84 -7.44
C ALA A 196 10.03 -3.63 -7.76
N SER A 197 9.17 -4.12 -6.88
CA SER A 197 7.72 -3.99 -7.08
C SER A 197 7.01 -4.00 -5.73
N TRP A 198 5.73 -3.69 -5.74
CA TRP A 198 5.01 -3.66 -4.47
C TRP A 198 3.49 -3.64 -4.58
N ASN A 199 2.86 -4.00 -3.46
CA ASN A 199 1.40 -3.95 -3.32
C ASN A 199 1.22 -3.11 -2.07
N ASN A 200 0.66 -1.92 -2.22
CA ASN A 200 0.41 -1.05 -1.08
C ASN A 200 -1.09 -1.06 -0.87
N GLU A 201 -1.53 -1.74 0.19
CA GLU A 201 -2.95 -1.88 0.55
C GLU A 201 -3.79 -2.56 -0.53
N SER A 202 -3.16 -3.17 -1.52
CA SER A 202 -3.91 -3.82 -2.59
C SER A 202 -3.89 -5.35 -2.61
N SER A 203 -3.10 -5.97 -1.73
CA SER A 203 -3.03 -7.42 -1.72
C SER A 203 -4.23 -8.10 -1.07
N MET A 204 -4.94 -7.38 -0.21
CA MET A 204 -6.11 -7.97 0.46
C MET A 204 -7.26 -8.24 -0.50
N TYR A 205 -7.05 -7.91 -1.77
CA TYR A 205 -8.08 -8.12 -2.79
C TYR A 205 -7.86 -9.37 -3.63
N VAL A 206 -6.63 -9.86 -3.70
CA VAL A 206 -6.33 -11.01 -4.54
C VAL A 206 -5.73 -12.23 -3.86
N ASP A 207 -5.67 -13.33 -4.60
CA ASP A 207 -5.07 -14.56 -4.09
C ASP A 207 -3.59 -14.25 -3.93
N LEU A 208 -3.05 -14.53 -2.74
CA LEU A 208 -1.65 -14.28 -2.44
C LEU A 208 -0.64 -15.11 -3.23
N HIS A 209 -0.91 -16.41 -3.36
CA HIS A 209 0.02 -17.26 -4.11
C HIS A 209 0.12 -16.77 -5.56
N ASP A 210 -1.02 -16.46 -6.15
CA ASP A 210 -1.04 -16.01 -7.54
C ASP A 210 -0.41 -14.63 -7.77
N VAL A 211 -0.60 -13.69 -6.85
CA VAL A 211 -0.02 -12.37 -7.05
C VAL A 211 1.48 -12.40 -6.78
N PHE A 212 1.90 -13.18 -5.80
CA PHE A 212 3.33 -13.29 -5.49
C PHE A 212 4.04 -14.07 -6.60
N ALA A 213 3.33 -15.00 -7.21
CA ALA A 213 3.89 -15.79 -8.29
C ALA A 213 4.14 -14.87 -9.50
N GLU A 214 3.23 -13.92 -9.71
CA GLU A 214 3.38 -13.00 -10.82
C GLU A 214 4.53 -12.01 -10.56
N HIS A 215 4.62 -11.50 -9.34
CA HIS A 215 5.69 -10.57 -8.96
C HIS A 215 7.04 -11.30 -9.09
N SER A 216 7.07 -12.54 -8.62
CA SER A 216 8.27 -13.36 -8.67
C SER A 216 8.68 -13.60 -10.12
N ARG A 217 7.71 -13.62 -11.02
CA ARG A 217 8.00 -13.84 -12.44
C ARG A 217 8.67 -12.65 -13.12
N PHE A 218 8.13 -11.44 -12.97
CA PHE A 218 8.77 -10.31 -13.63
C PHE A 218 9.94 -9.70 -12.88
N LEU A 219 10.04 -9.99 -11.59
CA LEU A 219 11.12 -9.47 -10.75
C LEU A 219 12.43 -10.17 -11.11
N ARG A 220 13.50 -9.40 -11.27
CA ARG A 220 14.79 -10.00 -11.59
C ARG A 220 15.30 -10.73 -10.34
N VAL A 221 16.17 -11.72 -10.53
CA VAL A 221 16.73 -12.44 -9.39
C VAL A 221 17.52 -11.39 -8.61
N GLY A 222 17.26 -11.29 -7.32
CA GLY A 222 17.94 -10.29 -6.51
C GLY A 222 17.07 -9.05 -6.36
N GLY A 223 15.93 -9.04 -7.03
CA GLY A 223 15.02 -7.92 -6.95
C GLY A 223 14.36 -7.81 -5.59
N ARG A 224 13.68 -6.70 -5.34
CA ARG A 224 13.04 -6.46 -4.06
C ARG A 224 11.53 -6.28 -4.17
N TYR A 225 10.79 -6.98 -3.32
CA TYR A 225 9.33 -6.88 -3.31
C TYR A 225 8.90 -6.36 -1.95
N VAL A 226 7.96 -5.42 -1.94
CA VAL A 226 7.47 -4.89 -0.68
C VAL A 226 5.96 -4.82 -0.66
N THR A 227 5.39 -5.08 0.50
CA THR A 227 3.95 -4.97 0.65
C THR A 227 3.62 -4.37 2.01
N VAL A 228 2.65 -3.45 2.02
CA VAL A 228 2.16 -2.87 3.26
C VAL A 228 0.71 -3.33 3.18
N THR A 229 0.25 -4.00 4.23
CA THR A 229 -1.09 -4.52 4.18
C THR A 229 -1.64 -4.83 5.56
N GLY A 230 -2.95 -4.94 5.63
CA GLY A 230 -3.59 -5.32 6.87
C GLY A 230 -3.75 -6.84 6.72
N CYS A 231 -3.64 -7.58 7.81
CA CYS A 231 -3.80 -9.04 7.75
C CYS A 231 -4.34 -9.49 9.11
N TRP A 232 -5.14 -10.55 9.16
CA TRP A 232 -5.61 -10.98 10.46
C TRP A 232 -4.50 -11.77 11.13
N ASN A 233 -4.50 -11.75 12.46
CA ASN A 233 -3.46 -12.42 13.22
C ASN A 233 -3.84 -13.86 13.53
N PRO A 234 -3.14 -14.84 12.94
CA PRO A 234 -3.40 -16.26 13.15
C PRO A 234 -3.19 -16.68 14.61
N ARG A 235 -2.57 -15.80 15.38
CA ARG A 235 -2.31 -16.07 16.79
C ARG A 235 -3.60 -16.15 17.60
N TYR A 236 -4.61 -15.40 17.18
CA TYR A 236 -5.89 -15.40 17.90
C TYR A 236 -6.91 -16.31 17.21
N GLY A 237 -6.41 -17.18 16.33
CA GLY A 237 -7.28 -18.10 15.63
C GLY A 237 -7.91 -17.53 14.38
N GLN A 238 -9.11 -17.99 14.06
CA GLN A 238 -9.83 -17.53 12.88
C GLN A 238 -10.07 -16.01 12.91
N PRO A 239 -10.33 -15.40 11.74
CA PRO A 239 -10.57 -13.96 11.67
C PRO A 239 -11.76 -13.47 12.52
N SER A 240 -11.58 -12.35 13.21
CA SER A 240 -12.63 -11.80 14.05
C SER A 240 -13.75 -11.15 13.23
N LYS A 241 -14.88 -10.86 13.88
CA LYS A 241 -16.01 -10.24 13.20
C LYS A 241 -15.58 -8.92 12.58
N TRP A 242 -14.67 -8.20 13.24
CA TRP A 242 -14.18 -6.91 12.75
C TRP A 242 -13.54 -7.06 11.37
N VAL A 243 -12.68 -8.09 11.23
CA VAL A 243 -12.02 -8.33 9.96
C VAL A 243 -13.06 -8.65 8.90
N SER A 244 -14.04 -9.48 9.25
CA SER A 244 -15.10 -9.83 8.31
C SER A 244 -15.90 -8.60 7.90
N GLN A 245 -16.11 -7.68 8.86
CA GLN A 245 -16.83 -6.45 8.59
C GLN A 245 -16.07 -5.62 7.55
N ILE A 246 -14.75 -5.64 7.66
CA ILE A 246 -13.93 -4.90 6.71
C ILE A 246 -14.04 -5.59 5.34
N ASN A 247 -13.97 -6.91 5.33
CA ASN A 247 -14.10 -7.64 4.06
C ASN A 247 -15.41 -7.26 3.37
N ALA A 248 -16.51 -7.25 4.12
CA ALA A 248 -17.82 -6.91 3.56
C ALA A 248 -17.92 -5.45 3.10
N HIS A 249 -17.19 -4.55 3.75
CA HIS A 249 -17.21 -3.13 3.41
C HIS A 249 -16.51 -2.82 2.08
N PHE A 250 -15.37 -3.45 1.85
CA PHE A 250 -14.59 -3.25 0.63
C PHE A 250 -14.76 -4.40 -0.35
N GLU A 251 -15.51 -5.43 0.06
CA GLU A 251 -15.70 -6.62 -0.76
C GLU A 251 -14.31 -7.18 -1.09
N CYS A 252 -13.47 -7.29 -0.06
CA CYS A 252 -12.13 -7.82 -0.23
C CYS A 252 -11.98 -9.13 0.54
N ASN A 253 -10.75 -9.61 0.66
CA ASN A 253 -10.51 -10.89 1.35
C ASN A 253 -9.21 -10.87 2.13
N ILE A 254 -9.22 -10.15 3.24
CA ILE A 254 -8.05 -10.02 4.11
C ILE A 254 -7.47 -11.40 4.43
N HIS A 255 -6.15 -11.52 4.28
CA HIS A 255 -5.48 -12.79 4.55
C HIS A 255 -4.79 -12.79 5.91
N SER A 256 -4.54 -13.96 6.45
CA SER A 256 -3.87 -14.07 7.73
C SER A 256 -2.37 -13.86 7.50
N ARG A 257 -1.66 -13.47 8.56
CA ARG A 257 -0.23 -13.25 8.42
C ARG A 257 0.45 -14.58 8.03
N ARG A 258 -0.14 -15.70 8.42
CA ARG A 258 0.43 -17.00 8.07
C ARG A 258 0.45 -17.21 6.55
N GLU A 259 -0.62 -16.81 5.88
CA GLU A 259 -0.71 -16.95 4.42
C GLU A 259 0.31 -16.08 3.70
N TYR A 260 0.54 -14.88 4.21
CA TYR A 260 1.50 -13.97 3.60
C TYR A 260 2.89 -14.58 3.58
N LEU A 261 3.33 -15.12 4.71
CA LEU A 261 4.66 -15.72 4.82
C LEU A 261 4.78 -17.02 4.03
N ARG A 262 3.72 -17.82 4.06
CA ARG A 262 3.67 -19.10 3.34
C ARG A 262 3.73 -18.86 1.82
N ALA A 263 2.86 -17.98 1.34
CA ALA A 263 2.81 -17.65 -0.07
C ALA A 263 4.16 -17.12 -0.56
N MET A 264 4.83 -16.29 0.24
CA MET A 264 6.13 -15.78 -0.18
C MET A 264 7.13 -16.92 -0.28
N ALA A 265 7.22 -17.75 0.75
CA ALA A 265 8.14 -18.89 0.74
C ALA A 265 7.92 -19.80 -0.48
N ASP A 266 6.66 -19.98 -0.88
CA ASP A 266 6.34 -20.83 -2.02
C ASP A 266 6.63 -20.16 -3.36
N ASN A 267 6.97 -18.88 -3.34
CA ASN A 267 7.21 -18.17 -4.59
C ASN A 267 8.58 -17.52 -4.70
N ARG A 268 9.55 -18.07 -3.97
CA ARG A 268 10.92 -17.58 -4.00
C ARG A 268 11.06 -16.14 -3.53
N LEU A 269 10.24 -15.74 -2.56
CA LEU A 269 10.26 -14.40 -1.98
C LEU A 269 10.67 -14.57 -0.52
N VAL A 270 11.85 -14.07 -0.17
CA VAL A 270 12.39 -14.20 1.18
C VAL A 270 12.39 -12.92 1.98
N PRO A 271 11.51 -12.82 2.98
CA PRO A 271 11.45 -11.61 3.81
C PRO A 271 12.82 -11.19 4.37
N GLN A 272 13.10 -9.89 4.22
CA GLN A 272 14.34 -9.27 4.70
C GLN A 272 13.91 -8.43 5.90
N THR A 273 12.67 -7.95 5.86
CA THR A 273 12.11 -7.15 6.93
C THR A 273 10.63 -7.44 7.09
N VAL A 274 10.19 -7.58 8.33
CA VAL A 274 8.78 -7.78 8.64
C VAL A 274 8.61 -6.88 9.86
N VAL A 275 7.77 -5.86 9.73
CA VAL A 275 7.55 -4.96 10.85
C VAL A 275 6.06 -4.70 11.05
N ASP A 276 5.61 -4.85 12.29
CA ASP A 276 4.21 -4.61 12.62
C ASP A 276 4.06 -3.10 12.86
N LEU A 277 3.29 -2.45 11.99
CA LEU A 277 3.06 -1.00 12.06
C LEU A 277 1.72 -0.65 12.72
N THR A 278 1.08 -1.64 13.33
CA THR A 278 -0.22 -1.40 13.96
C THR A 278 -0.23 -0.20 14.90
N PRO A 279 0.73 -0.12 15.83
CA PRO A 279 0.72 1.03 16.75
C PRO A 279 0.89 2.37 16.02
N GLU A 280 1.60 2.33 14.89
CA GLU A 280 1.87 3.53 14.09
C GLU A 280 0.69 4.02 13.25
N THR A 281 -0.19 3.10 12.85
CA THR A 281 -1.33 3.46 12.00
C THR A 281 -2.60 3.76 12.81
N LEU A 282 -2.61 3.37 14.08
CA LEU A 282 -3.79 3.61 14.92
C LEU A 282 -4.17 5.10 15.03
N PRO A 283 -3.19 6.01 15.19
CA PRO A 283 -3.52 7.44 15.29
C PRO A 283 -4.22 7.98 14.04
N TYR A 284 -3.82 7.46 12.88
CA TYR A 284 -4.39 7.85 11.59
C TYR A 284 -5.88 7.52 11.57
N TRP A 285 -6.24 6.33 12.01
CA TRP A 285 -7.64 5.90 12.03
C TRP A 285 -8.50 6.61 13.07
N GLU A 286 -7.95 6.82 14.27
CA GLU A 286 -8.70 7.50 15.31
C GLU A 286 -8.98 8.92 14.84
N LEU A 287 -8.02 9.51 14.15
CA LEU A 287 -8.19 10.86 13.63
C LEU A 287 -9.27 10.87 12.54
N ARG A 288 -9.19 9.91 11.62
CA ARG A 288 -10.17 9.82 10.55
C ARG A 288 -11.58 9.58 11.10
N ALA A 289 -11.68 8.86 12.21
CA ALA A 289 -12.97 8.57 12.83
C ALA A 289 -13.66 9.82 13.38
N THR A 290 -12.94 10.92 13.46
CA THR A 290 -13.50 12.18 13.98
C THR A 290 -13.70 13.17 12.84
N SER A 291 -13.46 12.73 11.60
CA SER A 291 -13.60 13.61 10.45
C SER A 291 -14.90 13.41 9.68
N SER A 292 -15.09 14.24 8.67
CA SER A 292 -16.28 14.15 7.83
C SER A 292 -15.96 13.16 6.72
N LEU A 293 -14.83 12.48 6.85
CA LEU A 293 -14.41 11.49 5.86
C LEU A 293 -14.86 10.09 6.25
N VAL A 294 -15.49 9.98 7.42
CA VAL A 294 -15.96 8.70 7.91
C VAL A 294 -16.81 7.96 6.87
N THR A 295 -16.60 6.65 6.77
CA THR A 295 -17.37 5.84 5.85
C THR A 295 -18.10 4.78 6.67
N GLY A 296 -17.89 4.80 7.97
CA GLY A 296 -18.53 3.86 8.86
C GLY A 296 -17.75 2.60 9.18
N ILE A 297 -16.57 2.45 8.57
CA ILE A 297 -15.76 1.26 8.81
C ILE A 297 -14.58 1.50 9.75
N GLU A 298 -14.34 2.75 10.13
CA GLU A 298 -13.20 3.02 11.02
C GLU A 298 -13.27 2.32 12.38
N GLU A 299 -14.49 2.00 12.83
CA GLU A 299 -14.64 1.29 14.12
C GLU A 299 -14.10 -0.13 14.03
N ALA A 300 -14.32 -0.79 12.89
CA ALA A 300 -13.82 -2.15 12.72
C ALA A 300 -12.29 -2.12 12.77
N PHE A 301 -11.70 -1.18 12.04
CA PHE A 301 -10.24 -1.05 12.00
C PHE A 301 -9.65 -0.82 13.38
N ILE A 302 -10.10 0.23 14.06
CA ILE A 302 -9.62 0.59 15.37
C ILE A 302 -9.77 -0.52 16.41
N GLU A 303 -10.95 -1.10 16.50
CA GLU A 303 -11.19 -2.15 17.46
C GLU A 303 -10.36 -3.41 17.20
N SER A 304 -10.25 -3.82 15.94
CA SER A 304 -9.47 -5.02 15.64
C SER A 304 -7.98 -4.74 15.84
N TYR A 305 -7.55 -3.52 15.53
CA TYR A 305 -6.14 -3.17 15.72
C TYR A 305 -5.84 -3.22 17.21
N ARG A 306 -6.79 -2.79 18.03
CA ARG A 306 -6.62 -2.77 19.49
C ARG A 306 -6.67 -4.13 20.17
N ASP A 307 -7.57 -5.03 19.75
CA ASP A 307 -7.63 -6.33 20.41
C ASP A 307 -6.63 -7.32 19.80
N GLY A 308 -5.85 -6.84 18.84
CA GLY A 308 -4.84 -7.67 18.21
C GLY A 308 -5.25 -8.64 17.11
N SER A 309 -6.55 -8.74 16.82
CA SER A 309 -7.01 -9.67 15.78
C SER A 309 -6.65 -9.22 14.35
N PHE A 310 -6.42 -7.92 14.17
CA PHE A 310 -6.08 -7.37 12.86
C PHE A 310 -4.80 -6.58 13.02
N GLN A 311 -3.90 -6.67 12.04
CA GLN A 311 -2.65 -5.92 12.15
C GLN A 311 -2.22 -5.32 10.83
N TYR A 312 -1.45 -4.24 10.93
CA TYR A 312 -0.94 -3.53 9.77
C TYR A 312 0.56 -3.83 9.72
N VAL A 313 1.02 -4.42 8.63
CA VAL A 313 2.43 -4.77 8.53
C VAL A 313 3.10 -4.45 7.19
N LEU A 314 4.41 -4.32 7.25
CA LEU A 314 5.25 -4.05 6.09
C LEU A 314 6.15 -5.28 5.99
N ILE A 315 6.23 -5.87 4.81
CA ILE A 315 7.10 -7.02 4.58
C ILE A 315 7.94 -6.70 3.35
N ALA A 316 9.25 -6.69 3.52
CA ALA A 316 10.14 -6.43 2.39
C ALA A 316 10.86 -7.76 2.12
N ALA A 317 10.78 -8.24 0.89
CA ALA A 317 11.40 -9.52 0.55
C ALA A 317 12.26 -9.51 -0.71
N ASP A 318 13.23 -10.41 -0.75
CA ASP A 318 14.11 -10.54 -1.89
C ASP A 318 13.63 -11.66 -2.79
N ARG A 319 13.72 -11.44 -4.09
CA ARG A 319 13.38 -12.45 -5.08
C ARG A 319 14.68 -13.24 -5.23
N VAL A 320 14.71 -14.49 -4.80
CA VAL A 320 15.92 -15.29 -4.90
C VAL A 320 15.72 -16.55 -5.72
#